data_5IYS
#
_entry.id   5IYS
#
_cell.length_a   37.238
_cell.length_b   41.090
_cell.length_c   93.477
_cell.angle_alpha   90.000
_cell.angle_beta   96.350
_cell.angle_gamma   90.000
#
_symmetry.space_group_name_H-M   'P 1 21 1'
#
loop_
_entity.id
_entity.type
_entity.pdbx_description
1 polymer 'Phytoene synthase'
2 non-polymer 'SULFATE ION'
3 non-polymer 'MAGNESIUM ION'
4 non-polymer 'S-[(2E,6E)-3,7,11-TRIMETHYLDODECA-2,6,10-TRIENYL] TRIHYDROGEN THIODIPHOSPHATE'
5 water water
#
_entity_poly.entity_id   1
_entity_poly.type   'polypeptide(L)'
_entity_poly.pdbx_seq_one_letter_code
;MITINNDPFQEYQKDFAYCESIIKKNSKSFYLAFSQLPKRKAQSVYAVYAFCRRADDLIDRDNNQAGLRQLERQLLDFNE
GKVPNDPVWRALSVVFDNFPMVTAPFFDMLTGQRKDADFKQPETRKDLEEYCYYVAGSVGLMLLPLLTERPADIVVPAKK
LGEAMQLTNILRDVGEDYQMGRIYLTKEDMTRFGVATTMLKEKQAQTQLVALWESLAKQAENLYEESFEMFPLITEDCRQ
ALASAAFIYREQLNIVRKQHYSLFDNKNKVSHYRKVQLLKEVKSYLKSY
;
_entity_poly.pdbx_strand_id   A
#
loop_
_chem_comp.id
_chem_comp.type
_chem_comp.name
_chem_comp.formula
FPS non-polymer 'S-[(2E,6E)-3,7,11-TRIMETHYLDODECA-2,6,10-TRIENYL] TRIHYDROGEN THIODIPHOSPHATE' 'C15 H28 O6 P2 S'
MG non-polymer 'MAGNESIUM ION' 'Mg 2'
SO4 non-polymer 'SULFATE ION' 'O4 S -2'
#
# COMPACT_ATOMS: atom_id res chain seq x y z
N ASP A 7 -7.51 15.90 -25.85
CA ASP A 7 -7.78 14.79 -24.90
C ASP A 7 -6.44 14.40 -24.26
N PRO A 8 -6.25 14.77 -22.98
CA PRO A 8 -4.91 14.62 -22.37
C PRO A 8 -4.51 13.16 -22.18
N PHE A 9 -5.47 12.24 -22.22
CA PHE A 9 -5.14 10.82 -22.16
C PHE A 9 -4.68 10.27 -23.50
N GLN A 10 -4.96 11.02 -24.57
CA GLN A 10 -4.39 10.67 -25.85
C GLN A 10 -3.04 11.36 -25.97
N GLU A 11 -3.00 12.64 -25.61
CA GLU A 11 -1.76 13.41 -25.72
C GLU A 11 -0.60 12.73 -24.98
N TYR A 12 -0.90 12.27 -23.77
CA TYR A 12 0.07 11.62 -22.88
C TYR A 12 -0.12 10.12 -22.77
N GLN A 13 -0.59 9.50 -23.86
CA GLN A 13 -0.88 8.07 -23.79
C GLN A 13 0.37 7.24 -23.54
N LYS A 14 1.52 7.59 -24.10
CA LYS A 14 2.74 6.85 -23.80
C LYS A 14 3.16 6.95 -22.34
N ASP A 15 3.01 8.13 -21.75
CA ASP A 15 3.31 8.26 -20.33
C ASP A 15 2.41 7.40 -19.45
N PHE A 16 1.10 7.40 -19.72
CA PHE A 16 0.20 6.51 -18.99
C PHE A 16 0.49 5.04 -19.28
N ALA A 17 0.91 4.74 -20.51
CA ALA A 17 1.34 3.35 -20.83
C ALA A 17 2.57 2.98 -20.04
N TYR A 18 3.50 3.92 -19.91
CA TYR A 18 4.67 3.68 -19.09
C TYR A 18 4.31 3.28 -17.67
N CYS A 19 3.44 4.09 -17.04
CA CYS A 19 2.92 3.75 -15.71
C CYS A 19 2.14 2.43 -15.65
N GLU A 20 1.26 2.17 -16.62
CA GLU A 20 0.51 0.90 -16.61
C GLU A 20 1.43 -0.30 -16.60
N SER A 21 2.50 -0.21 -17.38
CA SER A 21 3.37 -1.35 -17.47
C SER A 21 4.07 -1.56 -16.12
N ILE A 22 4.41 -0.46 -15.44
CA ILE A 22 5.04 -0.59 -14.14
C ILE A 22 4.15 -1.34 -13.15
N ILE A 23 2.88 -0.95 -13.02
CA ILE A 23 2.04 -1.68 -12.07
C ILE A 23 1.75 -3.12 -12.51
N LYS A 24 1.49 -3.31 -13.80
CA LYS A 24 1.30 -4.65 -14.35
C LYS A 24 2.44 -5.58 -13.98
N LYS A 25 3.67 -5.11 -14.11
CA LYS A 25 4.85 -5.93 -13.83
C LYS A 25 5.17 -6.09 -12.34
N ASN A 26 4.79 -5.10 -11.53
CA ASN A 26 5.16 -5.11 -10.13
C ASN A 26 4.08 -5.53 -9.13
N SER A 27 2.82 -5.29 -9.46
CA SER A 27 1.72 -5.66 -8.55
C SER A 27 0.53 -6.30 -9.27
N LYS A 28 0.58 -7.60 -9.49
CA LYS A 28 -0.47 -8.27 -10.25
C LYS A 28 -1.80 -8.07 -9.54
N SER A 29 -1.74 -8.06 -8.20
CA SER A 29 -2.92 -7.81 -7.35
C SER A 29 -3.57 -6.45 -7.56
N PHE A 30 -2.80 -5.38 -7.41
CA PHE A 30 -3.37 -4.03 -7.51
C PHE A 30 -3.72 -3.71 -8.96
N TYR A 31 -2.98 -4.27 -9.91
CA TYR A 31 -3.35 -4.11 -11.30
C TYR A 31 -4.70 -4.75 -11.58
N LEU A 32 -4.88 -5.99 -11.12
CA LEU A 32 -6.17 -6.66 -11.32
C LEU A 32 -7.29 -5.89 -10.62
N ALA A 33 -7.08 -5.54 -9.36
CA ALA A 33 -8.13 -4.87 -8.59
C ALA A 33 -8.47 -3.52 -9.23
N PHE A 34 -7.47 -2.67 -9.49
CA PHE A 34 -7.77 -1.32 -9.95
C PHE A 34 -8.13 -1.21 -11.40
N SER A 35 -7.86 -2.27 -12.17
CA SER A 35 -8.25 -2.33 -13.56
C SER A 35 -9.76 -2.40 -13.72
N GLN A 36 -10.47 -2.62 -12.63
CA GLN A 36 -11.93 -2.59 -12.65
C GLN A 36 -12.53 -1.18 -12.64
N LEU A 37 -11.70 -0.17 -12.38
CA LEU A 37 -12.11 1.23 -12.50
C LEU A 37 -12.36 1.58 -13.95
N PRO A 38 -13.21 2.59 -14.18
CA PRO A 38 -13.25 3.16 -15.51
C PRO A 38 -11.83 3.56 -15.93
N LYS A 39 -11.59 3.57 -17.23
CA LYS A 39 -10.23 3.59 -17.79
C LYS A 39 -9.41 4.77 -17.28
N ARG A 40 -9.94 5.99 -17.36
CA ARG A 40 -9.16 7.17 -16.98
C ARG A 40 -8.82 7.24 -15.51
N LYS A 41 -9.73 6.77 -14.66
CA LYS A 41 -9.43 6.64 -13.24
C LYS A 41 -8.41 5.55 -12.99
N ALA A 42 -8.54 4.43 -13.71
CA ALA A 42 -7.55 3.38 -13.54
C ALA A 42 -6.15 3.88 -13.96
N GLN A 43 -6.05 4.59 -15.06
CA GLN A 43 -4.73 5.04 -15.53
C GLN A 43 -4.16 6.04 -14.53
N SER A 44 -5.04 6.80 -13.88
CA SER A 44 -4.63 7.76 -12.86
C SER A 44 -4.05 7.03 -11.65
N VAL A 45 -4.69 5.95 -11.23
CA VAL A 45 -4.11 5.13 -10.17
C VAL A 45 -2.74 4.62 -10.58
N TYR A 46 -2.62 4.13 -11.82
CA TYR A 46 -1.32 3.59 -12.24
C TYR A 46 -0.21 4.63 -12.15
N ALA A 47 -0.51 5.88 -12.52
CA ALA A 47 0.48 6.94 -12.37
C ALA A 47 0.91 7.07 -10.92
N VAL A 48 -0.07 7.06 -10.00
CA VAL A 48 0.24 7.20 -8.58
C VAL A 48 1.04 6.01 -8.08
N TYR A 49 0.70 4.82 -8.57
CA TYR A 49 1.47 3.62 -8.27
C TYR A 49 2.93 3.77 -8.71
N ALA A 50 3.13 4.25 -9.94
CA ALA A 50 4.47 4.49 -10.47
C ALA A 50 5.31 5.41 -9.57
N PHE A 51 4.73 6.52 -9.15
CA PHE A 51 5.45 7.42 -8.25
C PHE A 51 5.84 6.68 -6.97
N CYS A 52 4.89 5.95 -6.39
CA CYS A 52 5.20 5.21 -5.14
C CYS A 52 6.28 4.14 -5.33
N ARG A 53 6.09 3.32 -6.36
CA ARG A 53 7.03 2.23 -6.66
C ARG A 53 8.43 2.78 -6.87
N ARG A 54 8.55 3.93 -7.52
CA ARG A 54 9.87 4.52 -7.77
C ARG A 54 10.54 4.97 -6.48
N ALA A 55 9.77 5.62 -5.60
CA ALA A 55 10.31 6.10 -4.34
C ALA A 55 10.76 4.93 -3.48
N ASP A 56 9.99 3.86 -3.50
CA ASP A 56 10.26 2.72 -2.62
C ASP A 56 11.43 1.85 -3.10
N ASP A 57 11.56 1.70 -4.41
CA ASP A 57 12.61 0.86 -4.98
C ASP A 57 13.94 1.56 -4.75
N LEU A 58 13.94 2.87 -4.96
CA LEU A 58 15.10 3.70 -4.63
C LEU A 58 15.74 3.35 -3.28
N ILE A 59 14.92 3.18 -2.25
CA ILE A 59 15.45 2.93 -0.92
C ILE A 59 15.63 1.44 -0.63
N ASP A 60 14.56 0.66 -0.81
CA ASP A 60 14.59 -0.75 -0.43
C ASP A 60 15.48 -1.64 -1.32
N ARG A 61 15.42 -1.41 -2.63
CA ARG A 61 16.28 -2.16 -3.55
C ARG A 61 17.67 -1.53 -3.58
N ASP A 62 17.72 -0.26 -3.98
CA ASP A 62 18.96 0.36 -4.41
C ASP A 62 19.73 1.01 -3.25
N ASN A 63 19.08 1.18 -2.10
CA ASN A 63 19.58 2.10 -1.07
C ASN A 63 20.23 3.33 -1.71
N ASN A 64 19.43 4.03 -2.52
CA ASN A 64 19.90 5.22 -3.22
C ASN A 64 19.29 6.49 -2.63
N GLN A 65 19.94 7.04 -1.61
CA GLN A 65 19.45 8.25 -0.99
C GLN A 65 19.57 9.45 -1.91
N ALA A 66 20.57 9.45 -2.79
CA ALA A 66 20.72 10.53 -3.76
C ALA A 66 19.64 10.49 -4.86
N GLY A 67 19.18 9.29 -5.18
CA GLY A 67 18.01 9.14 -6.05
C GLY A 67 16.76 9.68 -5.36
N LEU A 68 16.65 9.44 -4.06
CA LEU A 68 15.43 9.84 -3.35
C LEU A 68 15.42 11.35 -3.19
N ARG A 69 16.58 11.96 -3.02
CA ARG A 69 16.70 13.43 -3.08
C ARG A 69 16.27 14.08 -4.39
N GLN A 70 16.72 13.52 -5.51
CA GLN A 70 16.28 14.01 -6.81
C GLN A 70 14.76 13.95 -6.94
N LEU A 71 14.18 12.85 -6.47
CA LEU A 71 12.74 12.65 -6.52
C LEU A 71 12.07 13.72 -5.68
N GLU A 72 12.67 14.07 -4.55
CA GLU A 72 12.10 15.10 -3.67
C GLU A 72 12.16 16.46 -4.36
N ARG A 73 13.21 16.70 -5.13
CA ARG A 73 13.35 17.98 -5.80
C ARG A 73 12.32 18.12 -6.92
N GLN A 74 12.06 17.02 -7.62
CA GLN A 74 11.02 17.00 -8.64
C GLN A 74 9.63 17.27 -8.07
N LEU A 75 9.38 16.73 -6.89
CA LEU A 75 8.09 16.90 -6.24
C LEU A 75 7.93 18.36 -5.79
N LEU A 76 9.01 18.95 -5.25
CA LEU A 76 8.95 20.35 -4.86
C LEU A 76 8.64 21.21 -6.09
N ASP A 77 9.26 20.89 -7.21
CA ASP A 77 9.00 21.65 -8.44
C ASP A 77 7.52 21.50 -8.82
N PHE A 78 7.06 20.26 -8.82
CA PHE A 78 5.71 19.93 -9.23
C PHE A 78 4.75 20.71 -8.33
N ASN A 79 5.01 20.67 -7.03
CA ASN A 79 4.22 21.41 -6.05
C ASN A 79 4.14 22.91 -6.34
N GLU A 80 5.22 23.46 -6.87
CA GLU A 80 5.23 24.86 -7.31
C GLU A 80 4.45 25.10 -8.60
N GLY A 81 4.24 24.06 -9.38
CA GLY A 81 3.58 24.21 -10.67
C GLY A 81 4.54 24.07 -11.85
N LYS A 82 5.79 23.73 -11.57
CA LYS A 82 6.78 23.44 -12.63
C LYS A 82 6.92 21.93 -12.82
N VAL A 83 6.19 21.38 -13.81
CA VAL A 83 6.14 19.93 -14.03
C VAL A 83 7.47 19.38 -14.56
N PRO A 84 8.12 18.45 -13.82
CA PRO A 84 9.31 17.80 -14.33
C PRO A 84 9.04 17.11 -15.66
N ASN A 85 10.01 17.10 -16.55
CA ASN A 85 9.72 16.61 -17.91
C ASN A 85 10.14 15.15 -17.91
N ASP A 86 9.22 14.28 -17.48
CA ASP A 86 9.52 12.91 -17.03
C ASP A 86 8.16 12.16 -17.06
N PRO A 87 8.13 10.94 -17.59
CA PRO A 87 6.84 10.28 -17.89
C PRO A 87 5.89 10.23 -16.68
N VAL A 88 6.42 9.86 -15.52
CA VAL A 88 5.62 9.71 -14.33
C VAL A 88 5.07 11.04 -13.89
N TRP A 89 5.90 12.07 -13.97
CA TRP A 89 5.47 13.41 -13.58
C TRP A 89 4.51 14.04 -14.59
N ARG A 90 4.69 13.71 -15.87
CA ARG A 90 3.76 14.19 -16.90
C ARG A 90 2.38 13.53 -16.76
N ALA A 91 2.37 12.23 -16.50
CA ALA A 91 1.09 11.55 -16.23
C ALA A 91 0.46 12.12 -14.96
N LEU A 92 1.26 12.31 -13.91
CA LEU A 92 0.72 12.93 -12.70
C LEU A 92 0.18 14.33 -12.89
N SER A 93 0.82 15.13 -13.75
CA SER A 93 0.28 16.45 -14.06
C SER A 93 -1.13 16.38 -14.63
N VAL A 94 -1.38 15.43 -15.52
CA VAL A 94 -2.75 15.23 -16.01
C VAL A 94 -3.77 14.84 -14.94
N VAL A 95 -3.35 13.95 -14.03
CA VAL A 95 -4.21 13.59 -12.92
C VAL A 95 -4.51 14.81 -12.03
N PHE A 96 -3.47 15.54 -11.66
CA PHE A 96 -3.62 16.76 -10.85
C PHE A 96 -4.43 17.85 -11.58
N ASP A 97 -4.40 17.87 -12.91
CA ASP A 97 -5.27 18.76 -13.68
C ASP A 97 -6.74 18.38 -13.61
N ASN A 98 -6.99 17.07 -13.54
CA ASN A 98 -8.33 16.52 -13.71
C ASN A 98 -9.10 16.29 -12.42
N PHE A 99 -8.37 16.05 -11.32
CA PHE A 99 -8.99 15.73 -10.03
C PHE A 99 -8.35 16.63 -8.97
N PRO A 100 -9.00 16.82 -7.82
CA PRO A 100 -8.46 17.68 -6.76
C PRO A 100 -7.38 16.97 -5.96
N MET A 101 -6.37 16.48 -6.68
CA MET A 101 -5.23 15.83 -6.02
C MET A 101 -4.49 16.85 -5.17
N VAL A 102 -3.81 16.38 -4.12
CA VAL A 102 -3.02 17.25 -3.25
C VAL A 102 -1.61 16.70 -3.08
N THR A 103 -0.62 17.57 -2.98
CA THR A 103 0.76 17.09 -2.93
C THR A 103 1.19 16.61 -1.54
N ALA A 104 0.49 17.00 -0.48
CA ALA A 104 0.95 16.68 0.88
C ALA A 104 1.21 15.20 1.15
N PRO A 105 0.35 14.29 0.66
CA PRO A 105 0.64 12.90 0.99
C PRO A 105 1.79 12.36 0.16
N PHE A 106 2.08 13.00 -0.96
CA PHE A 106 3.22 12.58 -1.79
C PHE A 106 4.52 12.91 -1.05
N PHE A 107 4.53 14.05 -0.37
CA PHE A 107 5.67 14.48 0.43
C PHE A 107 5.81 13.51 1.62
N ASP A 108 4.69 13.18 2.26
CA ASP A 108 4.69 12.20 3.35
C ASP A 108 5.31 10.84 2.96
N MET A 109 4.94 10.29 1.81
CA MET A 109 5.57 9.08 1.28
C MET A 109 7.10 9.22 1.22
N LEU A 110 7.62 10.31 0.67
CA LEU A 110 9.09 10.41 0.53
C LEU A 110 9.70 10.47 1.94
N THR A 111 9.01 11.09 2.89
CA THR A 111 9.54 11.26 4.25
C THR A 111 9.59 9.89 4.92
N GLY A 112 8.57 9.07 4.67
CA GLY A 112 8.56 7.72 5.20
C GLY A 112 9.65 6.87 4.57
N GLN A 113 9.78 6.94 3.25
CA GLN A 113 10.86 6.21 2.60
C GLN A 113 12.21 6.57 3.16
N ARG A 114 12.45 7.86 3.36
CA ARG A 114 13.74 8.36 3.83
C ARG A 114 14.06 7.80 5.23
N LYS A 115 13.03 7.66 6.05
CA LYS A 115 13.20 7.01 7.34
C LYS A 115 13.58 5.53 7.27
N ASP A 116 13.00 4.80 6.31
CA ASP A 116 13.44 3.44 6.05
C ASP A 116 14.89 3.33 5.64
N ALA A 117 15.41 4.39 5.02
CA ALA A 117 16.81 4.39 4.59
C ALA A 117 17.78 4.30 5.76
N ASP A 118 17.33 4.66 6.96
CA ASP A 118 18.12 4.51 8.18
C ASP A 118 17.26 3.75 9.20
N PHE A 119 17.13 2.45 8.98
CA PHE A 119 16.06 1.69 9.62
C PHE A 119 16.20 1.58 11.13
N LYS A 120 15.13 1.89 11.87
CA LYS A 120 15.04 1.57 13.30
C LYS A 120 13.76 0.79 13.56
N GLN A 121 13.86 -0.29 14.33
CA GLN A 121 12.69 -1.02 14.82
C GLN A 121 11.78 -0.11 15.64
N PRO A 122 10.47 -0.12 15.35
CA PRO A 122 9.54 0.65 16.18
C PRO A 122 9.62 0.19 17.63
N GLU A 123 9.58 1.11 18.58
CA GLU A 123 9.55 0.73 19.98
C GLU A 123 8.13 0.39 20.42
N THR A 124 7.15 1.12 19.91
CA THR A 124 5.76 0.91 20.33
C THR A 124 4.84 0.67 19.12
N ARG A 125 3.59 0.26 19.36
CA ARG A 125 2.60 0.18 18.30
C ARG A 125 2.20 1.57 17.80
N LYS A 126 2.25 2.56 18.69
CA LYS A 126 2.08 3.94 18.26
C LYS A 126 3.12 4.33 17.22
N ASP A 127 4.37 3.97 17.50
CA ASP A 127 5.45 4.26 16.56
C ASP A 127 5.17 3.56 15.24
N LEU A 128 4.76 2.30 15.35
CA LEU A 128 4.53 1.50 14.13
C LEU A 128 3.36 2.09 13.37
N GLU A 129 2.34 2.57 14.09
CA GLU A 129 1.18 3.18 13.43
C GLU A 129 1.52 4.49 12.68
N GLU A 130 2.37 5.33 13.26
CA GLU A 130 2.79 6.55 12.56
C GLU A 130 3.55 6.20 11.29
N TYR A 131 4.40 5.20 11.39
CA TYR A 131 5.20 4.81 10.23
C TYR A 131 4.29 4.29 9.11
N CYS A 132 3.29 3.48 9.48
CA CYS A 132 2.36 2.92 8.49
C CYS A 132 1.61 4.04 7.81
N TYR A 133 1.38 5.17 8.49
CA TYR A 133 0.74 6.30 7.80
C TYR A 133 1.68 6.78 6.70
N TYR A 134 2.91 7.08 7.09
CA TYR A 134 3.80 7.75 6.12
C TYR A 134 4.00 6.91 4.86
N VAL A 135 4.10 5.59 4.99
CA VAL A 135 4.38 4.81 3.78
C VAL A 135 3.16 4.13 3.18
N ALA A 136 2.00 4.17 3.86
CA ALA A 136 0.90 3.38 3.34
C ALA A 136 -0.42 4.11 3.45
N GLY A 137 -0.68 4.69 4.62
CA GLY A 137 -1.87 5.55 4.77
C GLY A 137 -1.81 6.75 3.83
N SER A 138 -0.60 7.23 3.55
CA SER A 138 -0.45 8.34 2.61
C SER A 138 -0.94 7.98 1.21
N VAL A 139 -0.67 6.75 0.80
CA VAL A 139 -1.15 6.26 -0.49
C VAL A 139 -2.67 6.33 -0.61
N GLY A 140 -3.36 5.96 0.46
CA GLY A 140 -4.81 6.15 0.49
C GLY A 140 -5.19 7.60 0.23
N LEU A 141 -4.46 8.52 0.87
CA LEU A 141 -4.75 9.92 0.65
C LEU A 141 -4.43 10.41 -0.75
N MET A 142 -3.34 9.91 -1.35
CA MET A 142 -3.07 10.23 -2.73
C MET A 142 -4.24 9.86 -3.64
N LEU A 143 -4.80 8.67 -3.42
CA LEU A 143 -5.87 8.14 -4.28
C LEU A 143 -7.28 8.65 -4.01
N LEU A 144 -7.53 9.16 -2.81
CA LEU A 144 -8.90 9.50 -2.44
C LEU A 144 -9.62 10.40 -3.45
N PRO A 145 -8.92 11.39 -4.01
CA PRO A 145 -9.65 12.29 -4.88
C PRO A 145 -10.10 11.60 -6.17
N LEU A 146 -9.54 10.43 -6.47
CA LEU A 146 -10.06 9.66 -7.60
C LEU A 146 -11.34 8.88 -7.29
N LEU A 147 -11.63 8.73 -6.00
CA LEU A 147 -12.57 7.72 -5.53
C LEU A 147 -13.84 8.28 -4.89
N THR A 148 -13.83 9.56 -4.53
CA THR A 148 -14.93 10.12 -3.78
C THR A 148 -15.05 11.59 -4.20
N GLU A 149 -16.25 12.16 -4.07
CA GLU A 149 -16.50 13.55 -4.37
C GLU A 149 -15.78 14.48 -3.41
N ARG A 150 -15.71 14.12 -2.14
CA ARG A 150 -14.95 14.97 -1.19
C ARG A 150 -14.07 14.10 -0.33
N PRO A 151 -12.78 14.02 -0.71
CA PRO A 151 -11.83 13.28 0.10
C PRO A 151 -11.82 13.59 1.60
N ALA A 152 -11.99 14.86 1.96
CA ALA A 152 -11.97 15.22 3.39
C ALA A 152 -12.97 14.45 4.25
N ASP A 153 -14.06 14.02 3.63
CA ASP A 153 -15.12 13.26 4.33
C ASP A 153 -14.62 11.94 4.92
N ILE A 154 -13.66 11.31 4.25
CA ILE A 154 -13.29 9.96 4.66
C ILE A 154 -11.79 9.75 4.76
N VAL A 155 -11.05 10.75 5.20
CA VAL A 155 -9.61 10.57 5.34
C VAL A 155 -9.31 9.51 6.41
N VAL A 156 -10.09 9.49 7.48
CA VAL A 156 -9.83 8.58 8.59
C VAL A 156 -9.90 7.10 8.18
N PRO A 157 -11.01 6.68 7.55
CA PRO A 157 -11.05 5.29 7.11
C PRO A 157 -10.09 4.98 5.97
N ALA A 158 -9.75 5.96 5.15
CA ALA A 158 -8.80 5.73 4.10
C ALA A 158 -7.45 5.42 4.71
N LYS A 159 -7.05 6.21 5.70
CA LYS A 159 -5.77 5.98 6.35
C LYS A 159 -5.77 4.62 7.04
N LYS A 160 -6.91 4.21 7.58
CA LYS A 160 -6.99 2.88 8.19
C LYS A 160 -6.75 1.75 7.16
N LEU A 161 -7.26 1.88 5.95
CA LEU A 161 -7.10 0.78 4.98
C LEU A 161 -5.61 0.67 4.59
N GLY A 162 -4.96 1.81 4.43
CA GLY A 162 -3.51 1.82 4.13
C GLY A 162 -2.71 1.20 5.28
N GLU A 163 -3.07 1.55 6.50
CA GLU A 163 -2.50 0.88 7.65
C GLU A 163 -2.75 -0.63 7.72
N ALA A 164 -3.98 -1.06 7.47
CA ALA A 164 -4.28 -2.50 7.48
C ALA A 164 -3.38 -3.20 6.46
N MET A 165 -3.28 -2.63 5.27
CA MET A 165 -2.45 -3.26 4.23
C MET A 165 -0.96 -3.32 4.59
N GLN A 166 -0.46 -2.24 5.18
CA GLN A 166 0.96 -2.20 5.54
C GLN A 166 1.22 -3.25 6.64
N LEU A 167 0.33 -3.35 7.62
CA LEU A 167 0.45 -4.40 8.66
C LEU A 167 0.44 -5.80 8.04
N THR A 168 -0.44 -6.01 7.07
CA THR A 168 -0.49 -7.28 6.34
C THR A 168 0.86 -7.55 5.65
N ASN A 169 1.40 -6.53 4.99
CA ASN A 169 2.71 -6.66 4.35
C ASN A 169 3.83 -7.05 5.32
N ILE A 170 3.77 -6.44 6.51
CA ILE A 170 4.72 -6.72 7.59
C ILE A 170 4.62 -8.18 8.04
N LEU A 171 3.40 -8.63 8.24
CA LEU A 171 3.10 -9.96 8.76
C LEU A 171 3.42 -11.03 7.73
N ARG A 172 3.31 -10.64 6.46
CA ARG A 172 3.62 -11.57 5.38
C ARG A 172 5.12 -11.81 5.30
N ASP A 173 5.93 -10.83 5.66
CA ASP A 173 7.33 -10.81 5.20
C ASP A 173 8.31 -10.83 6.38
N VAL A 174 7.87 -11.33 7.54
CA VAL A 174 8.73 -11.24 8.72
C VAL A 174 10.14 -11.81 8.46
N GLY A 175 10.22 -12.98 7.85
CA GLY A 175 11.52 -13.65 7.69
C GLY A 175 12.46 -12.96 6.73
N GLU A 176 11.96 -12.64 5.54
CA GLU A 176 12.73 -11.92 4.52
C GLU A 176 13.17 -10.55 5.06
N ASP A 177 12.29 -9.89 5.81
CA ASP A 177 12.65 -8.60 6.41
C ASP A 177 13.84 -8.74 7.37
N TYR A 178 13.73 -9.69 8.30
CA TYR A 178 14.77 -9.89 9.29
C TYR A 178 16.10 -10.18 8.60
N GLN A 179 16.05 -11.01 7.57
CA GLN A 179 17.24 -11.36 6.79
C GLN A 179 17.93 -10.09 6.32
N MET A 180 17.13 -9.06 6.09
CA MET A 180 17.59 -7.82 5.49
C MET A 180 18.05 -6.85 6.55
N GLY A 181 17.94 -7.22 7.81
CA GLY A 181 18.23 -6.32 8.91
C GLY A 181 17.07 -5.47 9.42
N ARG A 182 15.86 -5.85 9.04
CA ARG A 182 14.70 -5.10 9.48
C ARG A 182 13.76 -5.89 10.36
N ILE A 183 13.37 -5.28 11.47
CA ILE A 183 12.28 -5.81 12.29
C ILE A 183 11.23 -4.74 12.40
N TYR A 184 10.06 -4.98 11.80
CA TYR A 184 8.92 -4.09 11.98
C TYR A 184 8.06 -4.39 13.20
N LEU A 185 8.05 -5.64 13.66
CA LEU A 185 7.35 -5.97 14.89
C LEU A 185 7.89 -5.11 16.03
N THR A 186 7.02 -4.68 16.93
CA THR A 186 7.42 -3.69 17.92
C THR A 186 8.21 -4.32 19.06
N LYS A 187 9.17 -3.56 19.58
CA LYS A 187 9.83 -3.97 20.81
C LYS A 187 8.87 -4.33 21.94
N GLU A 188 7.82 -3.53 22.07
CA GLU A 188 6.84 -3.78 23.10
C GLU A 188 6.05 -5.07 22.91
N ASP A 189 5.69 -5.37 21.67
CA ASP A 189 5.05 -6.64 21.36
C ASP A 189 5.96 -7.84 21.59
N MET A 190 7.20 -7.76 21.12
CA MET A 190 8.16 -8.83 21.32
C MET A 190 8.33 -9.17 22.81
N THR A 191 8.37 -8.13 23.64
CA THR A 191 8.39 -8.30 25.09
C THR A 191 7.07 -8.87 25.65
N ARG A 192 5.93 -8.35 25.22
CA ARG A 192 4.62 -8.77 25.73
C ARG A 192 4.37 -10.26 25.47
N PHE A 193 4.80 -10.73 24.30
CA PHE A 193 4.50 -12.10 23.89
C PHE A 193 5.67 -13.05 24.11
N GLY A 194 6.78 -12.52 24.61
CA GLY A 194 7.98 -13.32 24.86
C GLY A 194 8.60 -13.90 23.59
N VAL A 195 8.73 -13.05 22.57
CA VAL A 195 9.43 -13.42 21.34
C VAL A 195 10.88 -12.96 21.40
N ALA A 196 11.79 -13.84 21.05
CA ALA A 196 13.20 -13.48 20.93
C ALA A 196 13.48 -13.32 19.45
N THR A 197 14.41 -12.42 19.11
CA THR A 197 14.57 -12.08 17.71
C THR A 197 15.10 -13.29 16.95
N THR A 198 15.63 -14.24 17.70
CA THR A 198 16.13 -15.48 17.13
C THR A 198 15.01 -16.29 16.49
N MET A 199 13.80 -16.14 17.01
CA MET A 199 12.65 -16.85 16.47
C MET A 199 12.30 -16.37 15.05
N LEU A 200 12.89 -15.25 14.64
CA LEU A 200 12.49 -14.56 13.41
C LEU A 200 13.18 -15.17 12.21
N LYS A 201 14.12 -16.08 12.44
CA LYS A 201 14.86 -16.68 11.32
C LYS A 201 14.45 -18.12 11.05
N GLU A 202 13.47 -18.62 11.79
CA GLU A 202 12.98 -19.98 11.63
C GLU A 202 11.96 -20.12 10.50
N LYS A 203 11.74 -21.35 10.04
CA LYS A 203 10.80 -21.62 8.94
C LYS A 203 9.33 -21.46 9.34
N GLN A 204 9.00 -21.90 10.55
CA GLN A 204 7.66 -21.79 11.09
C GLN A 204 7.70 -21.07 12.45
N ALA A 205 6.74 -20.17 12.67
CA ALA A 205 6.69 -19.43 13.92
C ALA A 205 6.56 -20.34 15.14
N GLN A 206 7.31 -20.05 16.19
CA GLN A 206 7.10 -20.68 17.49
C GLN A 206 5.83 -20.13 18.13
N THR A 207 5.44 -20.78 19.22
CA THR A 207 4.16 -20.51 19.85
C THR A 207 4.04 -19.05 20.25
N GLN A 208 5.10 -18.51 20.83
CA GLN A 208 5.11 -17.11 21.25
C GLN A 208 4.93 -16.18 20.04
N LEU A 209 5.63 -16.47 18.95
CA LEU A 209 5.54 -15.62 17.75
C LEU A 209 4.19 -15.74 17.04
N VAL A 210 3.54 -16.89 17.19
CA VAL A 210 2.19 -17.04 16.65
C VAL A 210 1.21 -16.14 17.40
N ALA A 211 1.37 -16.08 18.73
CA ALA A 211 0.57 -15.20 19.56
C ALA A 211 0.68 -13.76 19.09
N LEU A 212 1.93 -13.28 18.94
CA LEU A 212 2.19 -11.93 18.51
C LEU A 212 1.65 -11.66 17.12
N TRP A 213 1.98 -12.54 16.18
CA TRP A 213 1.45 -12.51 14.82
C TRP A 213 -0.07 -12.33 14.83
N GLU A 214 -0.75 -13.19 15.55
CA GLU A 214 -2.20 -13.14 15.63
C GLU A 214 -2.73 -11.89 16.29
N SER A 215 -2.00 -11.37 17.27
CA SER A 215 -2.39 -10.11 17.87
C SER A 215 -2.40 -8.99 16.81
N LEU A 216 -1.30 -8.91 16.07
CA LEU A 216 -1.19 -7.87 15.05
C LEU A 216 -2.15 -8.13 13.89
N ALA A 217 -2.40 -9.39 13.56
CA ALA A 217 -3.34 -9.73 12.49
C ALA A 217 -4.76 -9.31 12.84
N LYS A 218 -5.12 -9.53 14.10
CA LYS A 218 -6.41 -9.07 14.59
C LYS A 218 -6.53 -7.56 14.46
N GLN A 219 -5.48 -6.82 14.81
CA GLN A 219 -5.50 -5.36 14.64
C GLN A 219 -5.68 -4.99 13.17
N ALA A 220 -4.84 -5.54 12.29
CA ALA A 220 -5.07 -5.36 10.84
C ALA A 220 -6.49 -5.66 10.38
N GLU A 221 -7.01 -6.82 10.80
CA GLU A 221 -8.36 -7.23 10.40
C GLU A 221 -9.43 -6.26 10.88
N ASN A 222 -9.26 -5.76 12.10
CA ASN A 222 -10.10 -4.69 12.62
C ASN A 222 -10.01 -3.42 11.80
N LEU A 223 -8.79 -3.07 11.38
CA LEU A 223 -8.63 -1.89 10.53
C LEU A 223 -9.25 -2.02 9.15
N TYR A 224 -9.12 -3.20 8.51
CA TYR A 224 -9.80 -3.45 7.25
C TYR A 224 -11.28 -3.18 7.47
N GLU A 225 -11.86 -3.88 8.43
CA GLU A 225 -13.29 -3.74 8.69
C GLU A 225 -13.72 -2.30 8.98
N GLU A 226 -13.00 -1.59 9.85
CA GLU A 226 -13.25 -0.19 10.08
C GLU A 226 -13.19 0.67 8.82
N SER A 227 -12.23 0.39 7.95
CA SER A 227 -12.03 1.26 6.78
C SER A 227 -13.21 1.14 5.81
N PHE A 228 -13.88 -0.01 5.83
CA PHE A 228 -15.02 -0.27 4.95
C PHE A 228 -16.22 0.64 5.24
N GLU A 229 -16.17 1.37 6.35
CA GLU A 229 -17.16 2.41 6.62
C GLU A 229 -17.21 3.50 5.55
N MET A 230 -16.11 3.67 4.80
CA MET A 230 -16.12 4.69 3.74
C MET A 230 -16.98 4.33 2.53
N PHE A 231 -17.40 3.07 2.39
CA PHE A 231 -18.00 2.68 1.09
C PHE A 231 -19.17 3.52 0.58
N PRO A 232 -20.10 3.91 1.49
CA PRO A 232 -21.25 4.64 0.99
C PRO A 232 -20.88 5.98 0.35
N LEU A 233 -19.69 6.49 0.62
CA LEU A 233 -19.26 7.79 0.09
C LEU A 233 -18.26 7.59 -1.07
N ILE A 234 -17.85 6.36 -1.27
CA ILE A 234 -17.06 6.04 -2.46
C ILE A 234 -17.94 6.09 -3.70
N THR A 235 -17.45 6.75 -4.74
CA THR A 235 -18.20 6.77 -6.01
C THR A 235 -18.57 5.35 -6.47
N GLU A 236 -19.82 5.16 -6.87
CA GLU A 236 -20.34 3.81 -7.09
C GLU A 236 -19.46 2.99 -8.04
N ASP A 237 -19.09 3.58 -9.16
CA ASP A 237 -18.20 2.91 -10.14
C ASP A 237 -16.77 2.64 -9.69
N CYS A 238 -16.41 3.09 -8.49
CA CYS A 238 -15.09 2.85 -7.90
C CYS A 238 -15.10 1.81 -6.79
N ARG A 239 -16.29 1.42 -6.33
CA ARG A 239 -16.36 0.51 -5.21
C ARG A 239 -15.80 -0.89 -5.44
N GLN A 240 -16.17 -1.52 -6.55
CA GLN A 240 -15.73 -2.89 -6.84
C GLN A 240 -14.20 -2.95 -6.86
N ALA A 241 -13.57 -1.96 -7.48
CA ALA A 241 -12.09 -1.94 -7.55
C ALA A 241 -11.45 -1.75 -6.18
N LEU A 242 -11.98 -0.82 -5.38
CA LEU A 242 -11.33 -0.56 -4.12
C LEU A 242 -11.53 -1.72 -3.14
N ALA A 243 -12.76 -2.22 -3.01
CA ALA A 243 -12.99 -3.41 -2.20
C ALA A 243 -12.19 -4.62 -2.66
N SER A 244 -12.10 -4.83 -3.97
CA SER A 244 -11.22 -5.88 -4.50
C SER A 244 -9.78 -5.76 -4.00
N ALA A 245 -9.23 -4.55 -4.10
CA ALA A 245 -7.86 -4.37 -3.62
C ALA A 245 -7.76 -4.77 -2.15
N ALA A 246 -8.72 -4.32 -1.34
CA ALA A 246 -8.71 -4.63 0.07
C ALA A 246 -8.81 -6.16 0.31
N PHE A 247 -9.81 -6.82 -0.31
CA PHE A 247 -10.04 -8.25 -0.04
C PHE A 247 -8.87 -9.09 -0.53
N ILE A 248 -8.35 -8.76 -1.70
CA ILE A 248 -7.18 -9.49 -2.19
C ILE A 248 -5.99 -9.33 -1.24
N TYR A 249 -5.70 -8.10 -0.81
CA TYR A 249 -4.55 -7.91 0.05
C TYR A 249 -4.74 -8.62 1.40
N ARG A 250 -5.95 -8.53 1.96
CA ARG A 250 -6.26 -9.10 3.28
C ARG A 250 -6.12 -10.62 3.29
N GLU A 251 -6.51 -11.22 2.17
CA GLU A 251 -6.37 -12.67 1.98
C GLU A 251 -5.00 -13.23 2.26
N GLN A 252 -3.95 -12.41 2.12
CA GLN A 252 -2.62 -12.91 2.46
C GLN A 252 -2.43 -13.29 3.92
N LEU A 253 -3.23 -12.71 4.82
CA LEU A 253 -3.20 -13.17 6.20
C LEU A 253 -3.60 -14.65 6.29
N ASN A 254 -4.67 -15.03 5.59
CA ASN A 254 -5.12 -16.43 5.63
C ASN A 254 -4.15 -17.41 5.02
N ILE A 255 -3.41 -16.96 4.02
CA ILE A 255 -2.35 -17.73 3.40
C ILE A 255 -1.29 -18.12 4.44
N VAL A 256 -0.81 -17.14 5.20
CA VAL A 256 0.22 -17.39 6.21
C VAL A 256 -0.31 -18.35 7.27
N ARG A 257 -1.55 -18.15 7.68
CA ARG A 257 -2.16 -19.09 8.60
C ARG A 257 -2.23 -20.50 8.00
N LYS A 258 -2.65 -20.64 6.74
CA LYS A 258 -2.81 -21.96 6.13
C LYS A 258 -1.48 -22.67 6.03
N GLN A 259 -0.40 -21.91 5.80
CA GLN A 259 0.94 -22.48 5.75
C GLN A 259 1.53 -22.59 7.14
N HIS A 260 0.64 -22.53 8.15
CA HIS A 260 0.99 -22.75 9.55
C HIS A 260 2.04 -21.75 10.07
N TYR A 261 1.84 -20.49 9.71
CA TYR A 261 2.70 -19.41 10.17
C TYR A 261 4.13 -19.58 9.68
N SER A 262 4.29 -19.92 8.42
CA SER A 262 5.58 -19.80 7.75
C SER A 262 6.06 -18.35 7.73
N LEU A 263 7.37 -18.16 7.95
CA LEU A 263 7.94 -16.83 8.03
C LEU A 263 8.54 -16.40 6.69
N PHE A 264 8.75 -17.36 5.80
CA PHE A 264 9.34 -17.09 4.49
C PHE A 264 8.39 -17.51 3.37
N ASP A 265 8.65 -16.98 2.19
CA ASP A 265 8.03 -17.46 0.96
C ASP A 265 6.51 -17.33 1.02
N ASN A 266 6.04 -16.14 1.37
CA ASN A 266 4.61 -15.90 1.57
C ASN A 266 4.03 -15.01 0.48
N LYS A 267 4.88 -14.57 -0.44
CA LYS A 267 4.45 -13.67 -1.50
C LYS A 267 3.91 -14.47 -2.68
N ASN A 268 3.03 -13.83 -3.45
CA ASN A 268 2.56 -14.40 -4.70
C ASN A 268 1.95 -15.76 -4.42
N LYS A 269 1.29 -15.90 -3.27
CA LYS A 269 0.66 -17.16 -2.90
C LYS A 269 -0.86 -17.16 -3.07
N VAL A 270 -1.43 -15.99 -3.32
CA VAL A 270 -2.85 -15.91 -3.69
C VAL A 270 -3.05 -16.20 -5.18
N SER A 271 -3.71 -17.32 -5.46
CA SER A 271 -3.81 -17.74 -6.86
C SER A 271 -4.76 -16.81 -7.64
N HIS A 272 -4.57 -16.82 -8.95
CA HIS A 272 -5.52 -16.17 -9.84
C HIS A 272 -6.92 -16.71 -9.55
N TYR A 273 -7.04 -18.02 -9.38
CA TYR A 273 -8.33 -18.61 -9.07
C TYR A 273 -8.94 -17.95 -7.82
N ARG A 274 -8.17 -17.87 -6.75
CA ARG A 274 -8.65 -17.26 -5.50
C ARG A 274 -8.97 -15.76 -5.61
N LYS A 275 -8.21 -15.07 -6.43
CA LYS A 275 -8.51 -13.66 -6.75
C LYS A 275 -9.85 -13.51 -7.45
N VAL A 276 -10.15 -14.44 -8.34
CA VAL A 276 -11.44 -14.37 -9.05
C VAL A 276 -12.56 -14.65 -8.09
N GLN A 277 -12.36 -15.61 -7.22
CA GLN A 277 -13.35 -15.90 -6.18
C GLN A 277 -13.62 -14.67 -5.34
N LEU A 278 -12.54 -13.97 -4.98
CA LEU A 278 -12.67 -12.78 -4.16
C LEU A 278 -13.40 -11.62 -4.86
N LEU A 279 -13.16 -11.45 -6.16
CA LEU A 279 -13.91 -10.43 -6.91
C LEU A 279 -15.42 -10.70 -6.85
N LYS A 280 -15.80 -11.97 -6.96
CA LYS A 280 -17.21 -12.33 -6.87
C LYS A 280 -17.72 -12.11 -5.45
N GLU A 281 -16.94 -12.51 -4.45
CA GLU A 281 -17.33 -12.19 -3.08
C GLU A 281 -17.53 -10.70 -2.89
N VAL A 282 -16.62 -9.91 -3.44
CA VAL A 282 -16.68 -8.46 -3.29
C VAL A 282 -17.97 -7.95 -3.92
N LYS A 283 -18.31 -8.50 -5.08
CA LYS A 283 -19.51 -8.05 -5.77
C LYS A 283 -20.76 -8.40 -4.93
N SER A 284 -20.77 -9.56 -4.27
CA SER A 284 -21.88 -9.90 -3.39
C SER A 284 -21.89 -8.96 -2.18
N TYR A 285 -20.72 -8.73 -1.60
CA TYR A 285 -20.57 -7.91 -0.40
C TYR A 285 -21.06 -6.48 -0.60
N LEU A 286 -20.79 -5.92 -1.78
CA LEU A 286 -21.15 -4.55 -2.06
C LEU A 286 -22.66 -4.33 -2.18
N LYS A 287 -23.39 -5.35 -2.63
CA LYS A 287 -24.85 -5.28 -2.66
C LYS A 287 -25.44 -4.91 -1.28
N SER A 288 -24.75 -5.29 -0.20
CA SER A 288 -25.17 -4.89 1.15
C SER A 288 -24.91 -3.43 1.50
N TYR A 289 -24.37 -2.65 0.56
CA TYR A 289 -24.58 -1.21 0.57
C TYR A 289 -25.61 -0.84 -0.49
S SO4 B . 17.83 12.03 7.76
O1 SO4 B . 17.22 12.68 8.92
O2 SO4 B . 18.65 10.90 8.19
O3 SO4 B . 18.67 13.00 7.05
O4 SO4 B . 16.76 11.56 6.88
S SO4 C . -6.20 -21.94 -4.48
O1 SO4 C . -6.09 -23.34 -4.02
O2 SO4 C . -4.93 -21.26 -4.26
O3 SO4 C . -7.28 -21.26 -3.78
O4 SO4 C . -6.45 -21.93 -5.92
MG MG D . 7.49 -5.02 3.64
MG MG E . 9.48 -0.18 1.48
MG MG F . 9.94 -2.27 -0.99
C1 FPS G . 1.84 -3.04 -1.33
S1 FPS G . 2.55 -2.40 -2.81
C2 FPS G . 1.00 -1.87 -0.85
C3 FPS G . 0.81 -1.55 0.45
C4 FPS G . 1.41 -2.39 1.54
C5 FPS G . -0.05 -0.37 0.86
C6 FPS G . -0.64 0.42 -0.31
C7 FPS G . -1.76 1.30 0.23
C8 FPS G . -2.88 1.55 -0.48
C10 FPS G . -3.87 2.53 0.11
C9 FPS G . -3.16 0.94 -1.84
C11 FPS G . -5.24 1.86 0.22
C12 FPS G . -6.30 2.86 0.63
C13 FPS G . -7.08 3.56 -0.23
C14 FPS G . -8.13 4.51 0.30
C15 FPS G . -6.99 3.38 -1.72
PA FPS G . 3.22 -3.91 -4.04
O1A FPS G . 3.22 -3.49 -5.44
O2A FPS G . 4.78 -4.01 -3.59
O3A FPS G . 2.59 -5.35 -3.77
PB FPS G . 3.35 -6.25 -2.65
O1B FPS G . 4.34 -7.18 -3.28
O2B FPS G . 2.20 -6.92 -1.92
O3B FPS G . 4.13 -5.44 -1.63
C1 FPS H . 5.27 -1.88 -0.34
S1 FPS H . 5.60 -2.29 1.35
C2 FPS H . 5.68 -0.45 -0.59
C3 FPS H . 5.04 0.63 -0.10
C4 FPS H . 3.88 0.56 0.85
C5 FPS H . 5.57 2.00 -0.50
C6 FPS H . 5.19 2.33 -1.95
C7 FPS H . 3.74 2.04 -2.23
C8 FPS H . 3.34 1.37 -3.31
C10 FPS H . 1.87 1.09 -3.46
C9 FPS H . 4.35 0.85 -4.31
C11 FPS H . 1.12 2.16 -4.24
C12 FPS H . -0.18 1.46 -4.61
C13 FPS H . -1.18 2.04 -5.28
C14 FPS H . -1.14 3.47 -5.76
C15 FPS H . -2.42 1.23 -5.55
PA FPS H . 7.46 -3.09 1.15
O1A FPS H . 8.38 -2.05 0.61
O2A FPS H . 7.99 -3.55 2.60
O3A FPS H . 7.30 -4.48 0.34
PB FPS H . 7.77 -4.83 -1.14
O1B FPS H . 8.80 -5.90 -0.98
O2B FPS H . 8.38 -3.66 -1.88
O3B FPS H . 6.54 -5.30 -1.88
#